data_3NW6
#
_entry.id   3NW6
#
_cell.length_a   107.308
_cell.length_b   41.161
_cell.length_c   79.173
_cell.angle_alpha   90.00
_cell.angle_beta   121.05
_cell.angle_gamma   90.00
#
_symmetry.space_group_name_H-M   'C 1 2 1'
#
loop_
_entity.id
_entity.type
_entity.pdbx_description
1 polymer 'Insulin-like growth factor 1 receptor'
2 non-polymer N-(5-cyclopropyl-1H-pyrazol-3-yl)-2-{(2S)-1-[(6-fluoropyridin-3-yl)carbonyl]pyrrolidin-2-yl}pyrrolo[2,1-f][1,2,4]triazin-4-amine
3 water water
#
_entity_poly.entity_id   1
_entity_poly.type   'polypeptide(L)'
_entity_poly.pdbx_seq_one_letter_code
;MVSAADVYVPDEWEVAREKITMSRELGQGSFGMVYEGVAKGVVKDEPETRVAIKTVNEAASMRERIEFLNEASVMKEFNC
HHVVRLLGVVSQGQPTLVIMELMTRGDLKSYLRSLRPEMENNPVLAPPSLSKMIQMAGEIADGMAYLNANKFVHRDLAAR
NCMVAEDFTVKIGDFGMTRDIYETDYYRKGGKGLLPVRWMSPESLKDGVFTTYSDVWSFGVVLWEIATLAEQPYQGLSNE
QVLRFVMEGGLLDKPDNCPDMLFELMRMCWQYNPKMRPSFLEIISSIKEEMEPGFREVSFYYSEENK
;
_entity_poly.pdbx_strand_id   A
#
# COMPACT_ATOMS: atom_id res chain seq x y z
N VAL A 7 1.81 -25.76 9.86
CA VAL A 7 2.68 -25.44 10.98
C VAL A 7 1.91 -24.67 12.04
N TYR A 8 2.28 -23.38 12.25
CA TYR A 8 1.66 -22.46 13.22
C TYR A 8 2.39 -22.42 14.57
N VAL A 9 3.66 -21.96 14.60
CA VAL A 9 4.49 -21.93 15.82
C VAL A 9 4.49 -20.57 16.59
N PRO A 10 3.87 -20.50 17.81
CA PRO A 10 3.88 -19.23 18.58
C PRO A 10 5.28 -18.79 19.01
N ASP A 11 5.53 -17.47 18.97
CA ASP A 11 6.81 -16.84 19.27
C ASP A 11 6.67 -15.60 20.16
N GLU A 12 7.69 -14.73 20.17
CA GLU A 12 7.72 -13.49 20.98
C GLU A 12 6.67 -12.44 20.56
N TRP A 13 6.02 -12.63 19.39
CA TRP A 13 4.96 -11.74 18.88
C TRP A 13 3.64 -12.03 19.55
N GLU A 14 3.52 -13.25 20.20
CA GLU A 14 2.31 -13.69 20.88
C GLU A 14 1.89 -12.69 21.97
N VAL A 15 0.59 -12.32 21.98
CA VAL A 15 -0.03 -11.38 22.91
C VAL A 15 -1.18 -12.11 23.63
N ALA A 16 -1.34 -11.89 24.94
CA ALA A 16 -2.41 -12.52 25.73
C ALA A 16 -3.69 -11.85 25.28
N ARG A 17 -4.74 -12.64 25.10
CA ARG A 17 -6.05 -12.18 24.62
C ARG A 17 -6.66 -11.07 25.45
N GLU A 18 -6.46 -11.11 26.79
CA GLU A 18 -6.96 -10.13 27.76
C GLU A 18 -6.33 -8.74 27.62
N LYS A 19 -5.28 -8.63 26.82
CA LYS A 19 -4.63 -7.34 26.57
C LYS A 19 -5.32 -6.60 25.41
N ILE A 20 -6.20 -7.28 24.68
CA ILE A 20 -6.89 -6.75 23.50
C ILE A 20 -8.34 -6.44 23.76
N THR A 21 -8.78 -5.31 23.20
CA THR A 21 -10.16 -4.85 23.20
C THR A 21 -10.52 -4.44 21.76
N MET A 22 -11.43 -5.19 21.12
CA MET A 22 -11.97 -4.92 19.79
C MET A 22 -13.21 -4.08 19.96
N SER A 23 -13.38 -3.05 19.13
CA SER A 23 -14.53 -2.16 19.21
C SER A 23 -15.25 -2.01 17.86
N ARG A 24 -14.97 -0.91 17.13
CA ARG A 24 -15.63 -0.70 15.85
C ARG A 24 -15.04 -1.43 14.64
N GLU A 25 -15.91 -1.81 13.72
CA GLU A 25 -15.53 -2.49 12.48
C GLU A 25 -14.85 -1.48 11.60
N LEU A 26 -13.83 -1.93 10.90
CA LEU A 26 -13.14 -1.11 9.92
C LEU A 26 -13.64 -1.64 8.56
N GLY A 27 -13.90 -2.93 8.49
CA GLY A 27 -14.37 -3.55 7.28
C GLY A 27 -13.74 -4.91 7.11
N GLN A 28 -14.29 -5.70 6.20
CA GLN A 28 -13.92 -7.07 5.91
C GLN A 28 -12.61 -7.25 5.16
N GLY A 29 -11.89 -8.28 5.56
CA GLY A 29 -10.66 -8.72 4.94
C GLY A 29 -10.88 -10.07 4.28
N SER A 30 -9.81 -10.66 3.78
CA SER A 30 -9.90 -11.96 3.09
C SER A 30 -10.40 -13.05 4.06
N PHE A 31 -9.76 -13.16 5.25
CA PHE A 31 -10.03 -14.13 6.30
C PHE A 31 -11.14 -13.76 7.27
N GLY A 32 -11.50 -12.48 7.29
CA GLY A 32 -12.57 -12.03 8.17
C GLY A 32 -12.61 -10.54 8.39
N MET A 33 -13.42 -10.14 9.36
CA MET A 33 -13.67 -8.78 9.79
C MET A 33 -12.45 -8.13 10.46
N VAL A 34 -12.17 -6.87 10.09
CA VAL A 34 -11.08 -6.11 10.67
C VAL A 34 -11.75 -5.12 11.61
N TYR A 35 -11.18 -4.94 12.79
CA TYR A 35 -11.71 -4.01 13.78
C TYR A 35 -10.68 -2.99 14.19
N GLU A 36 -11.14 -1.92 14.81
CA GLU A 36 -10.39 -0.90 15.47
C GLU A 36 -10.44 -1.34 16.94
N GLY A 37 -9.46 -0.94 17.73
CA GLY A 37 -9.47 -1.32 19.14
C GLY A 37 -8.33 -0.71 19.90
N VAL A 38 -8.03 -1.29 21.06
CA VAL A 38 -6.93 -0.85 21.93
C VAL A 38 -6.23 -2.10 22.45
N ALA A 39 -4.95 -1.95 22.72
CA ALA A 39 -4.07 -3.02 23.14
C ALA A 39 -3.09 -2.53 24.20
N LYS A 40 -2.76 -3.46 25.13
CA LYS A 40 -1.84 -3.25 26.24
C LYS A 40 -0.53 -3.97 25.96
N GLY A 41 0.58 -3.29 26.22
CA GLY A 41 1.92 -3.84 26.06
C GLY A 41 2.27 -4.35 24.68
N VAL A 42 1.80 -3.67 23.59
CA VAL A 42 2.17 -4.03 22.19
C VAL A 42 3.19 -3.05 21.60
N VAL A 43 3.15 -1.81 22.10
CA VAL A 43 4.10 -0.74 21.76
C VAL A 43 4.88 -0.49 23.06
N LYS A 44 5.98 -1.24 23.22
CA LYS A 44 6.80 -1.27 24.42
C LYS A 44 5.87 -1.57 25.59
N ASP A 45 5.88 -0.75 26.64
CA ASP A 45 5.01 -0.95 27.81
C ASP A 45 3.78 -0.01 27.80
N GLU A 46 3.42 0.54 26.63
CA GLU A 46 2.25 1.42 26.55
C GLU A 46 0.96 0.66 26.97
N PRO A 47 0.26 1.14 28.02
CA PRO A 47 -0.93 0.41 28.47
C PRO A 47 -2.11 0.48 27.51
N GLU A 48 -2.16 1.50 26.64
CA GLU A 48 -3.29 1.70 25.71
C GLU A 48 -2.84 2.30 24.37
N THR A 49 -2.81 1.48 23.32
CA THR A 49 -2.40 1.91 21.98
C THR A 49 -3.59 1.60 21.09
N ARG A 50 -4.01 2.58 20.31
CA ARG A 50 -5.10 2.38 19.35
C ARG A 50 -4.51 1.51 18.24
N VAL A 51 -5.14 0.35 18.00
CA VAL A 51 -4.66 -0.66 17.05
C VAL A 51 -5.76 -1.09 16.05
N ALA A 52 -5.36 -1.82 15.01
CA ALA A 52 -6.25 -2.44 14.05
C ALA A 52 -6.17 -3.91 14.37
N ILE A 53 -7.33 -4.64 14.32
CA ILE A 53 -7.37 -6.05 14.66
C ILE A 53 -7.96 -6.86 13.51
N LYS A 54 -7.16 -7.71 12.90
CA LYS A 54 -7.54 -8.66 11.85
C LYS A 54 -8.05 -9.96 12.51
N THR A 55 -9.18 -10.49 12.03
CA THR A 55 -9.77 -11.70 12.62
C THR A 55 -10.03 -12.78 11.56
N VAL A 56 -10.21 -14.02 12.03
CA VAL A 56 -10.59 -15.13 11.17
C VAL A 56 -12.11 -15.37 11.43
N ASN A 57 -12.92 -15.55 10.35
CA ASN A 57 -14.34 -15.83 10.51
C ASN A 57 -14.51 -17.09 11.40
N GLU A 58 -15.58 -17.12 12.23
CA GLU A 58 -15.80 -18.22 13.17
C GLU A 58 -16.00 -19.61 12.51
N ALA A 59 -16.52 -19.62 11.26
CA ALA A 59 -16.74 -20.84 10.48
C ALA A 59 -15.46 -21.42 9.86
N ALA A 60 -14.40 -20.62 9.71
CA ALA A 60 -13.13 -21.05 9.12
C ALA A 60 -12.54 -22.33 9.67
N SER A 61 -11.84 -23.06 8.82
CA SER A 61 -11.20 -24.31 9.17
C SER A 61 -9.83 -24.04 9.77
N MET A 62 -9.23 -25.08 10.35
CA MET A 62 -7.91 -25.09 10.98
C MET A 62 -6.81 -24.66 9.97
N ARG A 63 -6.90 -25.20 8.73
CA ARG A 63 -6.03 -24.91 7.59
C ARG A 63 -6.06 -23.42 7.30
N GLU A 64 -7.26 -22.81 7.32
CA GLU A 64 -7.52 -21.39 7.06
C GLU A 64 -6.93 -20.47 8.13
N ARG A 65 -6.99 -20.86 9.42
CA ARG A 65 -6.45 -20.10 10.56
C ARG A 65 -4.94 -20.08 10.53
N ILE A 66 -4.31 -21.26 10.30
CA ILE A 66 -2.86 -21.43 10.21
C ILE A 66 -2.33 -20.65 8.98
N GLU A 67 -3.11 -20.66 7.89
CA GLU A 67 -2.80 -19.92 6.67
C GLU A 67 -2.72 -18.41 6.99
N PHE A 68 -3.73 -17.90 7.72
CA PHE A 68 -3.83 -16.52 8.13
C PHE A 68 -2.64 -16.10 8.99
N LEU A 69 -2.23 -16.97 9.97
CA LEU A 69 -1.09 -16.70 10.85
C LEU A 69 0.23 -16.66 10.07
N ASN A 70 0.42 -17.58 9.11
CA ASN A 70 1.68 -17.64 8.38
C ASN A 70 1.83 -16.55 7.34
N GLU A 71 0.71 -16.15 6.73
CA GLU A 71 0.65 -15.08 5.74
C GLU A 71 1.01 -13.78 6.47
N ALA A 72 0.27 -13.49 7.56
CA ALA A 72 0.45 -12.29 8.40
C ALA A 72 1.87 -12.13 8.92
N SER A 73 2.50 -13.25 9.32
CA SER A 73 3.83 -13.37 9.91
C SER A 73 4.98 -12.81 9.10
N VAL A 74 4.79 -12.67 7.77
CA VAL A 74 5.78 -12.06 6.86
C VAL A 74 6.03 -10.60 7.33
N MET A 75 5.00 -9.94 7.89
CA MET A 75 5.12 -8.54 8.34
C MET A 75 6.08 -8.35 9.56
N LYS A 76 6.43 -9.44 10.29
CA LYS A 76 7.32 -9.46 11.47
C LYS A 76 8.73 -8.94 11.19
N GLU A 77 9.22 -9.16 9.97
CA GLU A 77 10.54 -8.78 9.50
C GLU A 77 10.74 -7.25 9.37
N PHE A 78 9.66 -6.53 9.08
CA PHE A 78 9.70 -5.09 8.80
C PHE A 78 9.55 -4.14 9.97
N ASN A 79 10.33 -3.06 9.92
CA ASN A 79 10.35 -1.99 10.91
C ASN A 79 10.72 -0.72 10.16
N CYS A 80 9.68 -0.08 9.62
CA CYS A 80 9.83 1.15 8.82
C CYS A 80 8.66 2.06 9.15
N HIS A 81 8.93 3.35 9.28
CA HIS A 81 7.87 4.35 9.53
C HIS A 81 6.91 4.45 8.33
N HIS A 82 7.37 4.08 7.12
CA HIS A 82 6.49 4.19 5.94
C HIS A 82 5.90 2.84 5.45
N VAL A 83 5.92 1.84 6.36
CA VAL A 83 5.33 0.51 6.19
C VAL A 83 4.46 0.19 7.43
N VAL A 84 3.16 -0.07 7.21
CA VAL A 84 2.22 -0.40 8.30
C VAL A 84 2.78 -1.58 9.14
N ARG A 85 2.88 -1.39 10.48
CA ARG A 85 3.44 -2.36 11.43
C ARG A 85 2.50 -3.42 11.99
N LEU A 86 3.07 -4.62 12.15
CA LEU A 86 2.49 -5.72 12.88
C LEU A 86 2.96 -5.47 14.34
N LEU A 87 2.01 -5.48 15.26
CA LEU A 87 2.28 -5.26 16.69
C LEU A 87 2.11 -6.55 17.52
N GLY A 88 1.29 -7.49 17.07
CA GLY A 88 1.09 -8.73 17.82
C GLY A 88 0.25 -9.80 17.17
N VAL A 89 0.25 -11.00 17.79
CA VAL A 89 -0.44 -12.19 17.28
C VAL A 89 -1.20 -12.86 18.45
N VAL A 90 -2.50 -13.17 18.23
CA VAL A 90 -3.29 -13.96 19.19
C VAL A 90 -3.66 -15.30 18.53
N SER A 91 -2.75 -16.27 18.61
CA SER A 91 -2.90 -17.61 18.01
C SER A 91 -3.43 -18.68 18.99
N GLN A 92 -3.45 -18.36 20.31
CA GLN A 92 -3.89 -19.29 21.35
C GLN A 92 -5.35 -19.05 21.67
N GLY A 93 -6.17 -20.05 21.36
CA GLY A 93 -7.61 -19.95 21.50
C GLY A 93 -8.23 -19.23 20.31
N GLN A 94 -9.54 -19.04 20.32
CA GLN A 94 -10.22 -18.37 19.21
C GLN A 94 -11.05 -17.19 19.78
N PRO A 95 -11.37 -16.11 19.01
CA PRO A 95 -11.02 -15.85 17.61
C PRO A 95 -9.53 -15.54 17.40
N THR A 96 -8.95 -16.09 16.30
CA THR A 96 -7.54 -15.92 15.92
C THR A 96 -7.35 -14.45 15.53
N LEU A 97 -6.38 -13.77 16.18
CA LEU A 97 -6.15 -12.34 15.95
C LEU A 97 -4.74 -11.99 15.52
N VAL A 98 -4.61 -10.89 14.76
CA VAL A 98 -3.36 -10.27 14.32
C VAL A 98 -3.55 -8.79 14.57
N ILE A 99 -2.68 -8.24 15.42
CA ILE A 99 -2.69 -6.86 15.86
C ILE A 99 -1.73 -6.08 15.03
N MET A 100 -2.21 -4.95 14.53
CA MET A 100 -1.46 -4.10 13.63
C MET A 100 -1.64 -2.64 13.96
N GLU A 101 -0.72 -1.83 13.44
CA GLU A 101 -0.76 -0.37 13.48
C GLU A 101 -2.10 0.08 12.88
N LEU A 102 -2.75 1.02 13.53
CA LEU A 102 -4.01 1.60 13.08
C LEU A 102 -3.73 2.80 12.17
N MET A 103 -4.44 2.86 11.03
CA MET A 103 -4.35 3.92 10.05
C MET A 103 -5.76 4.41 9.97
N THR A 104 -6.08 5.47 10.72
CA THR A 104 -7.47 5.97 10.85
C THR A 104 -8.17 6.40 9.56
N ARG A 105 -7.41 6.90 8.55
CA ARG A 105 -8.00 7.42 7.30
C ARG A 105 -8.14 6.44 6.15
N GLY A 106 -7.91 5.16 6.44
CA GLY A 106 -8.07 4.07 5.47
C GLY A 106 -7.13 4.04 4.29
N ASP A 107 -7.52 3.29 3.24
CA ASP A 107 -6.69 3.12 2.04
C ASP A 107 -6.61 4.37 1.20
N LEU A 108 -5.47 4.58 0.54
CA LEU A 108 -5.21 5.75 -0.26
C LEU A 108 -6.15 5.95 -1.42
N LYS A 109 -6.63 4.86 -2.06
CA LYS A 109 -7.56 5.03 -3.17
C LYS A 109 -8.93 5.59 -2.68
N SER A 110 -9.43 5.09 -1.53
CA SER A 110 -10.70 5.55 -0.96
C SER A 110 -10.52 6.97 -0.49
N TYR A 111 -9.34 7.26 0.10
CA TYR A 111 -9.02 8.59 0.58
C TYR A 111 -9.08 9.58 -0.59
N LEU A 112 -8.30 9.33 -1.66
CA LEU A 112 -8.26 10.21 -2.84
C LEU A 112 -9.64 10.39 -3.49
N ARG A 113 -10.43 9.31 -3.58
CA ARG A 113 -11.77 9.41 -4.16
C ARG A 113 -12.72 10.20 -3.24
N SER A 114 -12.51 10.19 -1.93
CA SER A 114 -13.33 10.96 -0.99
C SER A 114 -13.04 12.45 -1.15
N LEU A 115 -11.91 12.77 -1.81
CA LEU A 115 -11.51 14.15 -2.03
C LEU A 115 -12.20 14.77 -3.25
N ARG A 116 -12.85 13.93 -4.10
CA ARG A 116 -13.51 14.42 -5.31
C ARG A 116 -14.72 15.27 -4.94
N PRO A 117 -15.03 16.37 -5.71
CA PRO A 117 -16.22 17.17 -5.37
C PRO A 117 -17.51 16.37 -5.24
N GLU A 118 -18.29 16.67 -4.17
CA GLU A 118 -19.60 16.10 -3.82
C GLU A 118 -20.56 16.33 -4.99
N MET A 119 -20.56 17.56 -5.50
CA MET A 119 -21.38 18.09 -6.57
C MET A 119 -22.88 18.23 -6.30
N GLU A 120 -23.18 19.05 -5.28
CA GLU A 120 -24.49 19.54 -4.88
C GLU A 120 -24.48 20.89 -4.17
N ASN A 121 -23.75 21.85 -4.77
CA ASN A 121 -23.68 23.29 -4.46
C ASN A 121 -22.91 23.77 -3.27
N ASN A 122 -22.36 22.86 -2.47
CA ASN A 122 -21.60 23.22 -1.27
C ASN A 122 -20.15 23.49 -1.59
N PRO A 123 -19.45 24.34 -0.81
CA PRO A 123 -18.01 24.57 -1.06
C PRO A 123 -17.20 23.28 -0.95
N VAL A 124 -16.10 23.25 -1.67
CA VAL A 124 -15.23 22.09 -1.69
C VAL A 124 -13.75 22.47 -1.52
N LEU A 125 -13.00 21.60 -0.84
CA LEU A 125 -11.55 21.77 -0.67
C LEU A 125 -10.95 21.58 -2.06
N ALA A 126 -10.04 22.48 -2.45
CA ALA A 126 -9.35 22.42 -3.74
C ALA A 126 -8.56 21.11 -3.82
N PRO A 127 -8.30 20.55 -5.03
CA PRO A 127 -7.52 19.30 -5.10
C PRO A 127 -6.17 19.41 -4.40
N PRO A 128 -5.57 18.30 -3.89
CA PRO A 128 -4.26 18.41 -3.19
C PRO A 128 -3.16 19.19 -3.95
N SER A 129 -2.41 20.01 -3.20
CA SER A 129 -1.32 20.80 -3.77
C SER A 129 -0.16 19.89 -4.20
N LEU A 130 0.66 20.35 -5.13
CA LEU A 130 1.87 19.63 -5.56
C LEU A 130 2.73 19.27 -4.31
N SER A 131 2.84 20.16 -3.30
CA SER A 131 3.62 19.90 -2.08
C SER A 131 3.03 18.72 -1.32
N LYS A 132 1.70 18.68 -1.22
CA LYS A 132 0.99 17.61 -0.57
C LYS A 132 1.16 16.27 -1.28
N MET A 133 1.16 16.27 -2.62
CA MET A 133 1.40 15.13 -3.52
C MET A 133 2.84 14.59 -3.41
N ILE A 134 3.85 15.49 -3.33
CA ILE A 134 5.29 15.15 -3.23
C ILE A 134 5.56 14.46 -1.91
N GLN A 135 4.93 14.96 -0.83
CA GLN A 135 5.00 14.38 0.50
C GLN A 135 4.39 12.94 0.49
N MET A 136 3.28 12.73 -0.22
CA MET A 136 2.73 11.37 -0.35
C MET A 136 3.71 10.50 -1.14
N ALA A 137 4.20 11.00 -2.32
CA ALA A 137 5.15 10.32 -3.20
C ALA A 137 6.39 9.86 -2.45
N GLY A 138 6.97 10.76 -1.65
CA GLY A 138 8.19 10.53 -0.88
C GLY A 138 8.05 9.48 0.19
N GLU A 139 6.89 9.47 0.86
CA GLU A 139 6.53 8.50 1.88
C GLU A 139 6.38 7.12 1.27
N ILE A 140 5.61 7.01 0.19
CA ILE A 140 5.39 5.75 -0.54
C ILE A 140 6.72 5.21 -1.04
N ALA A 141 7.49 6.05 -1.74
CA ALA A 141 8.80 5.72 -2.30
C ALA A 141 9.77 5.26 -1.18
N ASP A 142 9.71 5.86 0.02
CA ASP A 142 10.55 5.47 1.17
C ASP A 142 10.21 4.06 1.74
N GLY A 143 8.92 3.76 1.83
CA GLY A 143 8.40 2.46 2.26
C GLY A 143 8.85 1.40 1.28
N MET A 144 8.80 1.76 0.00
CA MET A 144 9.21 0.90 -1.12
C MET A 144 10.76 0.70 -1.20
N ALA A 145 11.55 1.74 -0.91
CA ALA A 145 13.02 1.64 -0.92
C ALA A 145 13.47 0.75 0.23
N TYR A 146 12.77 0.84 1.37
CA TYR A 146 13.05 0.02 2.56
C TYR A 146 12.77 -1.44 2.23
N LEU A 147 11.63 -1.71 1.54
CA LEU A 147 11.25 -3.08 1.19
C LEU A 147 12.26 -3.70 0.26
N ASN A 148 12.70 -2.95 -0.76
CA ASN A 148 13.67 -3.40 -1.75
C ASN A 148 15.02 -3.71 -1.09
N ALA A 149 15.50 -2.83 -0.17
CA ALA A 149 16.75 -3.05 0.61
C ALA A 149 16.61 -4.34 1.47
N ASN A 150 15.36 -4.73 1.82
CA ASN A 150 15.09 -5.96 2.57
C ASN A 150 14.77 -7.15 1.66
N LYS A 151 15.14 -7.04 0.37
CA LYS A 151 15.03 -8.09 -0.66
C LYS A 151 13.61 -8.45 -1.11
N PHE A 152 12.67 -7.51 -0.97
CA PHE A 152 11.30 -7.75 -1.42
C PHE A 152 10.91 -7.02 -2.69
N VAL A 153 10.16 -7.71 -3.55
CA VAL A 153 9.47 -7.11 -4.71
C VAL A 153 7.99 -7.17 -4.31
N HIS A 154 7.30 -6.03 -4.32
CA HIS A 154 5.92 -5.90 -3.85
C HIS A 154 4.90 -6.56 -4.77
N ARG A 155 5.00 -6.31 -6.08
CA ARG A 155 4.12 -6.94 -7.10
C ARG A 155 2.71 -6.38 -7.20
N ASP A 156 2.25 -5.64 -6.17
CA ASP A 156 0.90 -5.06 -6.17
C ASP A 156 0.86 -3.61 -5.56
N LEU A 157 1.84 -2.79 -5.95
CA LEU A 157 1.88 -1.41 -5.47
C LEU A 157 0.84 -0.64 -6.22
N ALA A 158 -0.04 0.02 -5.46
CA ALA A 158 -1.20 0.75 -5.96
C ALA A 158 -1.79 1.53 -4.81
N ALA A 159 -2.49 2.63 -5.08
CA ALA A 159 -3.13 3.47 -4.04
C ALA A 159 -4.03 2.66 -3.08
N ARG A 160 -4.74 1.64 -3.61
CA ARG A 160 -5.62 0.76 -2.80
C ARG A 160 -4.81 -0.04 -1.75
N ASN A 161 -3.48 -0.18 -1.98
CA ASN A 161 -2.56 -0.89 -1.08
C ASN A 161 -1.61 -0.01 -0.24
N CYS A 162 -1.91 1.30 -0.18
CA CYS A 162 -1.24 2.34 0.59
C CYS A 162 -2.28 2.79 1.58
N MET A 163 -1.85 3.07 2.81
CA MET A 163 -2.78 3.42 3.88
C MET A 163 -2.50 4.83 4.33
N VAL A 164 -3.50 5.52 4.92
CA VAL A 164 -3.37 6.92 5.35
C VAL A 164 -3.59 7.03 6.85
N ALA A 165 -2.59 7.54 7.56
CA ALA A 165 -2.63 7.66 9.01
C ALA A 165 -3.42 8.90 9.44
N GLU A 166 -3.69 9.05 10.75
CA GLU A 166 -4.41 10.18 11.35
C GLU A 166 -3.79 11.53 10.98
N ASP A 167 -2.44 11.60 11.00
CA ASP A 167 -1.71 12.81 10.63
C ASP A 167 -1.45 12.91 9.07
N PHE A 168 -2.16 12.10 8.26
CA PHE A 168 -2.05 12.01 6.79
C PHE A 168 -0.78 11.35 6.26
N THR A 169 0.06 10.81 7.13
CA THR A 169 1.24 10.08 6.65
C THR A 169 0.74 8.87 5.81
N VAL A 170 1.31 8.68 4.61
CA VAL A 170 0.94 7.53 3.77
C VAL A 170 2.00 6.43 4.04
N LYS A 171 1.58 5.17 4.11
CA LYS A 171 2.44 4.04 4.40
C LYS A 171 2.05 2.89 3.50
N ILE A 172 2.99 1.91 3.31
CA ILE A 172 2.72 0.70 2.53
C ILE A 172 1.88 -0.16 3.45
N GLY A 173 0.71 -0.59 2.96
CA GLY A 173 -0.22 -1.37 3.73
C GLY A 173 0.18 -2.82 3.93
N ASP A 174 -0.45 -3.48 4.91
CA ASP A 174 -0.37 -4.90 5.23
C ASP A 174 -0.53 -5.68 3.90
N PHE A 175 0.36 -6.64 3.69
CA PHE A 175 0.44 -7.42 2.47
C PHE A 175 -0.79 -8.31 2.27
N GLY A 176 -1.19 -8.49 1.00
CA GLY A 176 -2.29 -9.34 0.55
C GLY A 176 -3.69 -9.08 1.06
N MET A 177 -4.00 -7.83 1.48
CA MET A 177 -5.35 -7.49 1.93
C MET A 177 -6.30 -7.58 0.71
N THR A 178 -7.30 -8.49 0.74
CA THR A 178 -8.22 -8.69 -0.40
C THR A 178 -9.38 -7.67 -0.57
N ARG A 179 -10.15 -7.35 0.48
CA ARG A 179 -11.28 -6.39 0.42
C ARG A 179 -12.56 -6.87 -0.32
N ASP A 180 -12.79 -6.39 -1.60
CA ASP A 180 -13.93 -6.59 -2.53
C ASP A 180 -14.16 -5.31 -3.37
N ILE A 181 -14.08 -4.12 -2.72
CA ILE A 181 -14.30 -2.79 -3.32
C ILE A 181 -13.49 -2.52 -4.60
N TYR A 182 -12.19 -2.90 -4.63
CA TYR A 182 -11.36 -2.65 -5.80
C TYR A 182 -11.02 -3.91 -6.62
N GLU A 183 -11.95 -4.91 -6.58
CA GLU A 183 -11.78 -6.16 -7.30
C GLU A 183 -11.67 -6.00 -8.81
N THR A 184 -12.23 -4.92 -9.37
CA THR A 184 -12.16 -4.64 -10.82
C THR A 184 -10.76 -4.12 -11.23
N ASP A 185 -9.87 -3.94 -10.24
CA ASP A 185 -8.49 -3.52 -10.48
C ASP A 185 -7.63 -4.76 -10.84
N TYR A 186 -8.25 -5.95 -10.88
CA TYR A 186 -7.58 -7.21 -11.19
C TYR A 186 -8.23 -7.92 -12.39
N TYR A 187 -7.40 -8.67 -13.14
CA TYR A 187 -7.82 -9.37 -14.37
C TYR A 187 -7.04 -10.62 -14.58
N ARG A 188 -7.73 -11.73 -14.90
CA ARG A 188 -7.03 -12.96 -15.23
C ARG A 188 -7.03 -13.31 -16.69
N LYS A 189 -5.83 -13.29 -17.29
CA LYS A 189 -5.61 -13.70 -18.68
C LYS A 189 -5.28 -15.23 -18.73
N GLY A 190 -4.59 -15.74 -17.70
CA GLY A 190 -4.15 -17.14 -17.60
C GLY A 190 -4.88 -18.06 -16.62
N GLY A 191 -4.14 -18.61 -15.65
CA GLY A 191 -4.65 -19.54 -14.63
C GLY A 191 -4.71 -18.96 -13.23
N LYS A 192 -3.65 -19.17 -12.42
CA LYS A 192 -3.55 -18.56 -11.08
C LYS A 192 -2.88 -17.17 -11.32
N GLY A 193 -3.44 -16.44 -12.28
CA GLY A 193 -2.98 -15.14 -12.74
C GLY A 193 -4.02 -14.04 -12.79
N LEU A 194 -4.73 -13.81 -11.67
CA LEU A 194 -5.69 -12.71 -11.48
C LEU A 194 -4.77 -11.58 -11.02
N LEU A 195 -4.40 -10.74 -11.98
CA LEU A 195 -3.37 -9.75 -11.80
C LEU A 195 -3.79 -8.28 -11.96
N PRO A 196 -3.05 -7.34 -11.31
CA PRO A 196 -3.41 -5.91 -11.44
C PRO A 196 -2.87 -5.29 -12.75
N VAL A 197 -3.44 -5.71 -13.89
CA VAL A 197 -2.98 -5.28 -15.24
C VAL A 197 -2.73 -3.79 -15.53
N ARG A 198 -3.61 -2.88 -15.02
CA ARG A 198 -3.50 -1.42 -15.21
C ARG A 198 -2.36 -0.78 -14.39
N TRP A 199 -1.75 -1.54 -13.46
CA TRP A 199 -0.61 -1.13 -12.62
C TRP A 199 0.68 -1.84 -13.03
N MET A 200 0.61 -2.76 -14.03
CA MET A 200 1.76 -3.56 -14.49
C MET A 200 2.63 -2.97 -15.63
N SER A 201 3.95 -3.24 -15.55
CA SER A 201 5.00 -2.87 -16.51
C SER A 201 4.85 -3.75 -17.77
N PRO A 202 5.24 -3.25 -18.98
CA PRO A 202 5.17 -4.10 -20.20
C PRO A 202 5.84 -5.48 -20.07
N GLU A 203 6.97 -5.58 -19.31
CA GLU A 203 7.66 -6.86 -19.09
C GLU A 203 6.89 -7.88 -18.24
N SER A 204 6.24 -7.43 -17.14
CA SER A 204 5.44 -8.31 -16.28
C SER A 204 4.21 -8.80 -17.01
N LEU A 205 3.65 -8.01 -17.93
CA LEU A 205 2.46 -8.40 -18.72
C LEU A 205 2.87 -9.45 -19.75
N LYS A 206 4.16 -9.41 -20.19
CA LYS A 206 4.72 -10.35 -21.16
C LYS A 206 5.12 -11.67 -20.52
N ASP A 207 5.94 -11.66 -19.47
CA ASP A 207 6.46 -12.90 -18.85
C ASP A 207 5.92 -13.23 -17.48
N GLY A 208 5.20 -12.31 -16.85
CA GLY A 208 4.67 -12.56 -15.51
C GLY A 208 5.73 -12.50 -14.41
N VAL A 209 6.89 -11.90 -14.72
CA VAL A 209 8.00 -11.68 -13.79
C VAL A 209 7.93 -10.22 -13.30
N PHE A 210 8.09 -10.05 -11.99
CA PHE A 210 8.06 -8.78 -11.29
C PHE A 210 9.41 -8.56 -10.60
N THR A 211 9.89 -7.31 -10.61
CA THR A 211 11.15 -6.91 -9.96
C THR A 211 10.93 -5.53 -9.28
N THR A 212 11.96 -4.98 -8.62
CA THR A 212 11.95 -3.63 -8.04
C THR A 212 11.64 -2.58 -9.14
N TYR A 213 12.10 -2.83 -10.39
CA TYR A 213 11.89 -2.01 -11.61
C TYR A 213 10.44 -1.93 -12.02
N SER A 214 9.69 -3.07 -11.90
CA SER A 214 8.26 -3.13 -12.21
C SER A 214 7.43 -2.49 -11.09
N ASP A 215 8.01 -2.47 -9.86
CA ASP A 215 7.42 -1.80 -8.70
C ASP A 215 7.51 -0.30 -8.94
N VAL A 216 8.64 0.12 -9.53
CA VAL A 216 8.90 1.53 -9.88
C VAL A 216 7.86 1.98 -10.92
N TRP A 217 7.54 1.12 -11.93
CA TRP A 217 6.50 1.38 -12.92
C TRP A 217 5.14 1.63 -12.23
N SER A 218 4.71 0.72 -11.32
CA SER A 218 3.47 0.83 -10.56
C SER A 218 3.49 2.03 -9.67
N PHE A 219 4.65 2.43 -9.14
CA PHE A 219 4.80 3.67 -8.35
C PHE A 219 4.38 4.88 -9.21
N GLY A 220 4.82 4.91 -10.45
CA GLY A 220 4.43 5.96 -11.39
C GLY A 220 2.92 5.99 -11.58
N VAL A 221 2.26 4.81 -11.61
CA VAL A 221 0.80 4.69 -11.71
C VAL A 221 0.18 5.30 -10.43
N VAL A 222 0.76 5.05 -9.23
CA VAL A 222 0.28 5.61 -7.94
C VAL A 222 0.32 7.15 -7.97
N LEU A 223 1.37 7.75 -8.58
CA LEU A 223 1.49 9.22 -8.71
C LEU A 223 0.39 9.75 -9.59
N TRP A 224 0.03 8.98 -10.62
CA TRP A 224 -1.02 9.34 -11.56
C TRP A 224 -2.38 9.25 -10.85
N GLU A 225 -2.55 8.23 -9.97
CA GLU A 225 -3.76 8.06 -9.19
C GLU A 225 -3.92 9.25 -8.22
N ILE A 226 -2.80 9.71 -7.64
CA ILE A 226 -2.78 10.86 -6.72
C ILE A 226 -3.21 12.11 -7.47
N ALA A 227 -2.68 12.28 -8.67
CA ALA A 227 -2.89 13.41 -9.55
C ALA A 227 -4.27 13.44 -10.17
N THR A 228 -4.90 12.27 -10.36
CA THR A 228 -6.24 12.13 -10.95
C THR A 228 -7.34 11.87 -9.90
N LEU A 229 -6.99 11.89 -8.60
CA LEU A 229 -7.89 11.53 -7.52
C LEU A 229 -8.48 10.14 -7.69
N ALA A 230 -7.59 9.20 -8.04
CA ALA A 230 -7.85 7.77 -8.21
C ALA A 230 -8.83 7.39 -9.32
N GLU A 231 -8.65 7.95 -10.50
CA GLU A 231 -9.42 7.55 -11.69
C GLU A 231 -8.90 6.14 -12.04
N GLN A 232 -9.65 5.39 -12.87
CA GLN A 232 -9.19 4.07 -13.30
C GLN A 232 -8.12 4.33 -14.37
N PRO A 233 -6.90 3.80 -14.21
CA PRO A 233 -5.89 4.01 -15.27
C PRO A 233 -6.35 3.37 -16.56
N TYR A 234 -6.18 4.06 -17.72
CA TYR A 234 -6.59 3.59 -19.05
C TYR A 234 -8.13 3.42 -19.08
N GLN A 235 -8.82 4.42 -18.53
CA GLN A 235 -10.26 4.53 -18.40
C GLN A 235 -11.04 4.10 -19.64
N GLY A 236 -10.71 4.65 -20.81
CA GLY A 236 -11.43 4.32 -22.03
C GLY A 236 -11.20 2.93 -22.62
N LEU A 237 -10.33 2.13 -22.00
CA LEU A 237 -9.96 0.82 -22.52
C LEU A 237 -10.43 -0.35 -21.73
N SER A 238 -10.73 -1.48 -22.41
CA SER A 238 -11.10 -2.72 -21.73
C SER A 238 -9.82 -3.35 -21.18
N ASN A 239 -9.95 -4.34 -20.28
CA ASN A 239 -8.78 -5.01 -19.73
C ASN A 239 -7.88 -5.60 -20.81
N GLU A 240 -8.47 -6.13 -21.90
CA GLU A 240 -7.73 -6.68 -23.06
C GLU A 240 -6.97 -5.61 -23.84
N GLN A 241 -7.57 -4.43 -24.02
CA GLN A 241 -6.97 -3.31 -24.73
C GLN A 241 -5.77 -2.74 -23.99
N VAL A 242 -5.82 -2.69 -22.62
CA VAL A 242 -4.77 -2.20 -21.70
C VAL A 242 -3.48 -3.02 -21.97
N LEU A 243 -3.60 -4.38 -21.97
CA LEU A 243 -2.54 -5.36 -22.20
C LEU A 243 -1.77 -5.04 -23.47
N ARG A 244 -2.49 -4.90 -24.57
CA ARG A 244 -1.89 -4.57 -25.86
C ARG A 244 -1.32 -3.17 -25.87
N PHE A 245 -2.08 -2.16 -25.38
CA PHE A 245 -1.67 -0.75 -25.36
C PHE A 245 -0.38 -0.51 -24.55
N VAL A 246 -0.27 -1.11 -23.32
CA VAL A 246 0.94 -0.94 -22.49
C VAL A 246 2.12 -1.70 -23.11
N MET A 247 1.90 -2.98 -23.51
CA MET A 247 2.98 -3.80 -24.11
C MET A 247 3.54 -3.19 -25.37
N GLU A 248 2.72 -2.42 -26.11
CA GLU A 248 3.13 -1.73 -27.33
C GLU A 248 3.67 -0.30 -27.14
N GLY A 249 4.05 0.09 -25.92
CA GLY A 249 4.62 1.41 -25.65
C GLY A 249 3.64 2.56 -25.34
N GLY A 250 2.37 2.23 -25.15
CA GLY A 250 1.37 3.25 -24.80
C GLY A 250 1.53 3.71 -23.37
N LEU A 251 1.13 4.96 -23.10
CA LEU A 251 1.27 5.56 -21.75
C LEU A 251 0.03 6.31 -21.33
N LEU A 252 -0.11 6.55 -19.99
CA LEU A 252 -1.20 7.34 -19.41
C LEU A 252 -0.96 8.81 -19.76
N ASP A 253 -2.04 9.55 -20.02
CA ASP A 253 -1.99 10.98 -20.31
C ASP A 253 -1.61 11.74 -19.07
N LYS A 254 -1.05 12.93 -19.27
CA LYS A 254 -0.74 13.84 -18.19
C LYS A 254 -2.08 14.29 -17.63
N PRO A 255 -2.33 14.07 -16.32
CA PRO A 255 -3.63 14.46 -15.76
C PRO A 255 -3.84 15.95 -15.95
N ASP A 256 -5.08 16.40 -16.10
CA ASP A 256 -5.32 17.84 -16.23
C ASP A 256 -4.79 18.54 -14.98
N ASN A 257 -4.16 19.71 -15.16
CA ASN A 257 -3.59 20.53 -14.06
C ASN A 257 -2.41 19.86 -13.27
N CYS A 258 -1.83 18.81 -13.84
CA CYS A 258 -0.76 18.09 -13.18
C CYS A 258 0.57 18.81 -13.48
N PRO A 259 1.30 19.32 -12.45
CA PRO A 259 2.58 19.99 -12.73
C PRO A 259 3.49 19.05 -13.52
N ASP A 260 4.18 19.59 -14.53
CA ASP A 260 5.11 18.88 -15.42
C ASP A 260 6.13 18.07 -14.65
N MET A 261 6.55 18.65 -13.53
CA MET A 261 7.49 18.12 -12.55
C MET A 261 7.03 16.73 -12.05
N LEU A 262 5.74 16.59 -11.72
CA LEU A 262 5.17 15.34 -11.23
C LEU A 262 5.01 14.36 -12.38
N PHE A 263 4.58 14.86 -13.55
CA PHE A 263 4.45 14.05 -14.77
C PHE A 263 5.79 13.54 -15.31
N GLU A 264 6.87 14.35 -15.19
CA GLU A 264 8.22 13.96 -15.61
C GLU A 264 8.69 12.75 -14.79
N LEU A 265 8.36 12.76 -13.49
CA LEU A 265 8.65 11.70 -12.57
C LEU A 265 7.85 10.45 -13.04
N MET A 266 6.56 10.60 -13.39
CA MET A 266 5.72 9.48 -13.90
C MET A 266 6.37 8.87 -15.14
N ARG A 267 6.71 9.71 -16.12
CA ARG A 267 7.38 9.31 -17.37
C ARG A 267 8.70 8.56 -17.14
N MET A 268 9.49 8.97 -16.10
CA MET A 268 10.75 8.32 -15.72
C MET A 268 10.44 6.89 -15.24
N CYS A 269 9.36 6.73 -14.42
CA CYS A 269 8.89 5.44 -13.92
C CYS A 269 8.41 4.53 -15.05
N TRP A 270 7.89 5.14 -16.14
CA TRP A 270 7.26 4.47 -17.27
C TRP A 270 8.19 4.26 -18.46
N GLN A 271 9.52 4.26 -18.23
CA GLN A 271 10.50 4.02 -19.29
C GLN A 271 10.28 2.58 -19.72
N TYR A 272 10.22 2.32 -21.03
CA TYR A 272 9.93 0.96 -21.52
C TYR A 272 10.98 -0.03 -21.02
N ASN A 273 12.25 0.38 -20.99
CA ASN A 273 13.30 -0.50 -20.53
C ASN A 273 13.32 -0.40 -19.00
N PRO A 274 13.18 -1.52 -18.25
CA PRO A 274 13.20 -1.44 -16.77
C PRO A 274 14.46 -0.79 -16.19
N LYS A 275 15.62 -1.03 -16.81
CA LYS A 275 16.93 -0.51 -16.38
C LYS A 275 17.07 1.04 -16.48
N MET A 276 16.23 1.64 -17.34
CA MET A 276 16.17 3.10 -17.55
C MET A 276 15.29 3.84 -16.52
N ARG A 277 14.49 3.09 -15.75
CA ARG A 277 13.62 3.62 -14.69
C ARG A 277 14.46 3.96 -13.45
N PRO A 278 14.18 5.08 -12.75
CA PRO A 278 14.94 5.35 -11.54
C PRO A 278 14.64 4.32 -10.44
N SER A 279 15.54 4.18 -9.47
CA SER A 279 15.30 3.30 -8.30
C SER A 279 14.40 4.12 -7.37
N PHE A 280 13.93 3.53 -6.27
CA PHE A 280 13.16 4.29 -5.28
C PHE A 280 14.09 5.24 -4.52
N LEU A 281 15.37 4.85 -4.36
CA LEU A 281 16.41 5.69 -3.71
C LEU A 281 16.61 6.96 -4.55
N GLU A 282 16.69 6.78 -5.87
CA GLU A 282 16.81 7.82 -6.88
C GLU A 282 15.57 8.75 -6.93
N ILE A 283 14.36 8.18 -6.77
CA ILE A 283 13.11 8.98 -6.73
C ILE A 283 13.13 9.90 -5.50
N ILE A 284 13.51 9.35 -4.32
CA ILE A 284 13.58 10.13 -3.07
C ILE A 284 14.58 11.27 -3.14
N SER A 285 15.81 10.99 -3.66
CA SER A 285 16.88 11.96 -3.84
C SER A 285 16.43 13.18 -4.62
N SER A 286 15.63 12.99 -5.66
CA SER A 286 15.16 14.05 -6.54
C SER A 286 14.11 14.97 -5.85
N ILE A 287 13.49 14.48 -4.77
CA ILE A 287 12.43 15.20 -4.05
C ILE A 287 12.72 15.43 -2.55
N LYS A 288 13.89 14.98 -2.05
CA LYS A 288 14.26 15.13 -0.63
C LYS A 288 14.15 16.57 -0.09
N GLU A 289 14.49 17.58 -0.92
CA GLU A 289 14.41 19.01 -0.60
C GLU A 289 12.97 19.48 -0.28
N GLU A 290 11.97 18.78 -0.90
CA GLU A 290 10.54 19.08 -0.79
C GLU A 290 9.76 18.44 0.35
N MET A 291 10.32 17.39 0.97
CA MET A 291 9.74 16.65 2.07
C MET A 291 9.79 17.48 3.34
N GLU A 292 8.77 17.32 4.21
CA GLU A 292 8.67 17.98 5.52
C GLU A 292 9.97 17.72 6.30
N PRO A 293 10.53 18.70 7.06
CA PRO A 293 11.80 18.47 7.77
C PRO A 293 11.91 17.16 8.59
N GLY A 294 10.78 16.67 9.11
CA GLY A 294 10.70 15.44 9.89
C GLY A 294 11.04 14.18 9.12
N PHE A 295 10.93 14.23 7.76
CA PHE A 295 11.28 13.10 6.90
C PHE A 295 12.74 12.67 7.17
N ARG A 296 13.68 13.63 7.45
CA ARG A 296 15.09 13.32 7.72
C ARG A 296 15.33 12.57 9.03
N GLU A 297 14.31 12.44 9.89
CA GLU A 297 14.45 11.73 11.17
C GLU A 297 13.71 10.40 11.23
N VAL A 298 12.66 10.23 10.44
CA VAL A 298 11.84 9.00 10.53
C VAL A 298 12.01 8.08 9.29
N SER A 299 12.52 8.60 8.16
CA SER A 299 12.61 7.79 6.93
C SER A 299 13.67 6.67 6.94
N PHE A 300 13.45 5.63 6.09
CA PHE A 300 14.45 4.63 5.80
C PHE A 300 15.58 5.33 5.06
N TYR A 301 15.26 6.26 4.09
CA TYR A 301 16.23 6.97 3.25
C TYR A 301 17.37 7.59 4.06
N TYR A 302 17.05 8.25 5.15
CA TYR A 302 18.00 8.93 6.02
C TYR A 302 18.50 8.07 7.17
N SER A 303 18.09 6.77 7.21
CA SER A 303 18.52 5.84 8.27
C SER A 303 19.89 5.24 7.98
N GLU A 304 20.57 4.78 9.05
CA GLU A 304 21.86 4.09 9.03
C GLU A 304 21.77 2.80 8.14
N GLU A 305 20.59 2.17 8.10
CA GLU A 305 20.26 0.99 7.32
C GLU A 305 20.35 1.27 5.80
N ASN A 306 20.16 2.55 5.37
CA ASN A 306 20.28 2.91 3.98
C ASN A 306 21.78 2.99 3.61
N LYS A 307 22.29 1.86 3.10
CA LYS A 307 23.69 1.54 2.76
C LYS A 307 24.50 1.48 4.07
#